data_7NBN
#
_entry.id   7NBN
#
_cell.length_a   1.00
_cell.length_b   1.00
_cell.length_c   1.00
_cell.angle_alpha   90.00
_cell.angle_beta   90.00
_cell.angle_gamma   90.00
#
_symmetry.space_group_name_H-M   'P 1'
#
loop_
_entity.id
_entity.type
_entity.pdbx_description
1 polymer 'AddAB promoter'
2 polymer 'AddAB promoter'
#
loop_
_entity_poly.entity_id
_entity_poly.type
_entity_poly.pdbx_seq_one_letter_code
_entity_poly.pdbx_strand_id
1 'polydeoxyribonucleotide'
;(DG)(DG)(DA)(DG)(DA)(DG)(DA)(DT)(DG)(DT)(DG)(DC)(DG)(DG)(DA)(DG)(DA)(DT)(DA)(DA)
(DT)(DC)(DA)(DG)(DC)(DT)(DT)(DT)(DT)(DT)(DA)(DT)(DA)(DT)(DG)(DT)(DG)(DA)(DA)(DA)
(DA)(DG)(DG)(DC)(DC)(DG)(DT)(DT)(DT)(DT)(DT)(DA)(DC)(DC)(DA)(DA)(DT)(DA)(DG)(DA)
(DT)(DC)(DA)(DG)(DA)(DT)(DT)(DG)(DG)(DT)(DC)(DA)(DT)(DT)(DT)(DT)(DC)(DG)
;
A
2 'polydeoxyribonucleotide'
;(DC)(DG)(DA)(DA)(DA)(DA)(DT)(DG)(DA)(DC)(DC)(DA)(DA)(DT)(DC)(DT)(DG)(DA)(DT)(DC)
(DT)(DA)(DT)(DT)(DG)(DG)(DT)(DA)(DA)(DA)(DA)(DA)(DC)(DG)(DG)(DC)(DC)(DT)(DT)(DT)
(DT)(DC)(DA)(DC)(DA)(DT)(DA)(DT)(DA)(DA)(DA)(DA)(DA)(DG)(DC)(DT)(DG)(DA)(DT)(DT)
(DA)(DT)(DC)(DT)(DC)(DC)(DG)(DC)(DA)(DC)(DA)(DT)(DC)(DT)(DC)(DT)(DC)(DC)
;
B
#
loop_
_chem_comp.id
_chem_comp.type
_chem_comp.name
_chem_comp.formula
DA DNA linking 2'-DEOXYADENOSINE-5'-MONOPHOSPHATE 'C10 H14 N5 O6 P'
DC DNA linking 2'-DEOXYCYTIDINE-5'-MONOPHOSPHATE 'C9 H14 N3 O7 P'
DG DNA linking 2'-DEOXYGUANOSINE-5'-MONOPHOSPHATE 'C10 H14 N5 O7 P'
DT DNA linking THYMIDINE-5'-MONOPHOSPHATE 'C10 H15 N2 O8 P'
#